data_1KCF
#
_entry.id   1KCF
#
_cell.length_a   72.000
_cell.length_b   133.940
_cell.length_c   73.250
_cell.angle_alpha   90.00
_cell.angle_beta   90.00
_cell.angle_gamma   90.00
#
_symmetry.space_group_name_H-M   'P 21 21 21'
#
loop_
_entity.id
_entity.type
_entity.pdbx_description
1 polymer 'HYPOTHETICAL 30.2 KD PROTEIN C25G10.02 IN CHROMOSOME I'
2 non-polymer 'SULFATE ION'
3 water water
#
_entity_poly.entity_id   1
_entity_poly.type   'polypeptide(L)'
_entity_poly.pdbx_seq_one_letter_code
;MATVKLSFLQHICKLTGLSRSGRKDELLRRIVDSPIYPTSRVLGIDLGIKNFSYCFASQNEDSKVIIHNWSVENLTEKNG
LDIQWTEDFQPSSMADLSIQLFNTLHEKFNPHVILMERQRYRSGIATIPEWTLRVNMLESMLYALHYAEKRNSIEQKIQY
PFLLSLSPKSTYSYWASVLNTKASFSKKKSRVQMVKELIDGQKILFENEEALYKWNNGSRVEFKKDDMADSALIASGWMR
WQAQLKHYRNFCKQFLKQ
;
_entity_poly.pdbx_strand_id   A,B
#
loop_
_chem_comp.id
_chem_comp.type
_chem_comp.name
_chem_comp.formula
SO4 non-polymer 'SULFATE ION' 'O4 S -2'
#
# COMPACT_ATOMS: atom_id res chain seq x y z
N THR A 3 -42.05 10.41 -15.04
CA THR A 3 -42.68 9.76 -13.86
C THR A 3 -41.60 9.16 -12.97
N VAL A 4 -40.44 9.81 -12.94
CA VAL A 4 -39.30 9.34 -12.15
C VAL A 4 -38.94 7.93 -12.61
N LYS A 5 -38.66 7.79 -13.90
CA LYS A 5 -38.29 6.49 -14.46
C LYS A 5 -36.94 6.07 -13.89
N LEU A 6 -36.72 4.78 -13.80
CA LEU A 6 -35.45 4.27 -13.27
C LEU A 6 -34.31 4.62 -14.21
N SER A 7 -34.57 4.50 -15.51
CA SER A 7 -33.59 4.79 -16.54
C SER A 7 -33.04 6.21 -16.47
N PHE A 8 -33.89 7.16 -16.10
CA PHE A 8 -33.47 8.56 -16.01
C PHE A 8 -32.54 8.76 -14.81
N LEU A 9 -32.83 8.07 -13.72
CA LEU A 9 -32.01 8.16 -12.52
C LEU A 9 -30.64 7.57 -12.79
N GLN A 10 -30.60 6.49 -13.55
CA GLN A 10 -29.35 5.83 -13.91
C GLN A 10 -28.52 6.78 -14.77
N HIS A 11 -29.21 7.56 -15.61
CA HIS A 11 -28.53 8.51 -16.47
C HIS A 11 -27.87 9.58 -15.62
N ILE A 12 -28.60 10.07 -14.62
CA ILE A 12 -28.09 11.09 -13.72
C ILE A 12 -26.86 10.57 -12.98
N CYS A 13 -26.90 9.30 -12.58
CA CYS A 13 -25.78 8.69 -11.88
C CYS A 13 -24.53 8.68 -12.76
N LYS A 14 -24.73 8.40 -14.04
CA LYS A 14 -23.62 8.38 -14.98
C LYS A 14 -23.07 9.78 -15.22
N LEU A 15 -23.95 10.78 -15.15
CA LEU A 15 -23.54 12.16 -15.35
C LEU A 15 -22.86 12.74 -14.12
N THR A 16 -22.96 12.05 -12.99
CA THR A 16 -22.36 12.52 -11.75
C THR A 16 -21.31 11.56 -11.20
N GLY A 17 -20.93 10.58 -12.02
CA GLY A 17 -19.93 9.61 -11.62
C GLY A 17 -20.34 8.75 -10.44
N LEU A 18 -21.63 8.51 -10.29
CA LEU A 18 -22.14 7.69 -9.20
C LEU A 18 -22.51 6.31 -9.71
N SER A 19 -22.69 5.37 -8.77
CA SER A 19 -23.07 4.01 -9.09
C SER A 19 -24.49 3.97 -9.65
N ARG A 20 -24.68 3.24 -10.75
CA ARG A 20 -25.98 3.12 -11.38
C ARG A 20 -26.73 1.87 -10.92
N SER A 21 -26.22 1.19 -9.90
CA SER A 21 -26.87 -0.02 -9.40
C SER A 21 -27.73 0.26 -8.17
N GLY A 22 -28.87 -0.42 -8.10
CA GLY A 22 -29.76 -0.23 -6.97
C GLY A 22 -31.22 -0.08 -7.38
N ARG A 23 -32.06 0.27 -6.42
CA ARG A 23 -33.48 0.45 -6.67
C ARG A 23 -33.78 1.90 -7.07
N LYS A 24 -35.03 2.17 -7.41
CA LYS A 24 -35.44 3.51 -7.83
C LYS A 24 -35.41 4.49 -6.67
N ASP A 25 -35.27 3.98 -5.45
CA ASP A 25 -35.21 4.86 -4.27
C ASP A 25 -33.80 4.89 -3.70
N GLU A 26 -32.96 3.96 -4.16
CA GLU A 26 -31.58 3.91 -3.70
C GLU A 26 -30.78 4.95 -4.48
N LEU A 27 -31.03 5.02 -5.79
CA LEU A 27 -30.35 5.98 -6.63
C LEU A 27 -30.66 7.41 -6.17
N LEU A 28 -31.93 7.66 -5.87
CA LEU A 28 -32.34 8.98 -5.40
C LEU A 28 -31.54 9.40 -4.18
N ARG A 29 -31.48 8.51 -3.19
CA ARG A 29 -30.75 8.77 -1.96
C ARG A 29 -29.27 8.97 -2.22
N ARG A 30 -28.72 8.15 -3.12
CA ARG A 30 -27.30 8.24 -3.47
C ARG A 30 -26.97 9.62 -4.01
N ILE A 31 -27.79 10.09 -4.95
CA ILE A 31 -27.61 11.40 -5.56
C ILE A 31 -27.73 12.49 -4.49
N VAL A 32 -28.89 12.55 -3.85
CA VAL A 32 -29.16 13.54 -2.82
C VAL A 32 -28.13 13.55 -1.69
N ASP A 33 -27.66 12.37 -1.32
CA ASP A 33 -26.69 12.25 -0.22
C ASP A 33 -25.23 12.29 -0.64
N SER A 34 -24.97 12.40 -1.94
CA SER A 34 -23.60 12.46 -2.42
C SER A 34 -22.88 13.61 -1.71
N PRO A 35 -21.70 13.32 -1.12
CA PRO A 35 -20.93 14.34 -0.40
C PRO A 35 -20.54 15.53 -1.26
N ILE A 36 -20.46 16.71 -0.63
CA ILE A 36 -20.08 17.92 -1.34
C ILE A 36 -18.59 18.16 -1.15
N TYR A 37 -17.86 18.19 -2.26
CA TYR A 37 -16.43 18.40 -2.21
C TYR A 37 -16.06 19.69 -2.93
N PRO A 38 -14.89 20.25 -2.62
CA PRO A 38 -14.43 21.50 -3.26
C PRO A 38 -14.09 21.20 -4.72
N THR A 39 -14.12 22.22 -5.57
CA THR A 39 -13.78 22.02 -6.97
C THR A 39 -12.61 22.92 -7.36
N SER A 40 -11.88 23.39 -6.36
CA SER A 40 -10.71 24.22 -6.60
C SER A 40 -9.49 23.41 -6.15
N ARG A 41 -8.35 23.63 -6.79
CA ARG A 41 -7.13 22.91 -6.45
C ARG A 41 -7.38 21.39 -6.42
N VAL A 42 -7.87 20.89 -7.54
CA VAL A 42 -8.17 19.48 -7.68
C VAL A 42 -6.99 18.78 -8.37
N LEU A 43 -6.37 17.84 -7.66
CA LEU A 43 -5.23 17.11 -8.22
C LEU A 43 -5.63 15.71 -8.68
N GLY A 44 -5.72 15.53 -10.00
CA GLY A 44 -6.07 14.24 -10.56
C GLY A 44 -4.80 13.44 -10.81
N ILE A 45 -4.75 12.21 -10.29
CA ILE A 45 -3.58 11.37 -10.47
C ILE A 45 -3.85 10.01 -11.10
N ASP A 46 -3.05 9.70 -12.12
CA ASP A 46 -3.13 8.43 -12.82
C ASP A 46 -1.94 7.61 -12.35
N LEU A 47 -2.19 6.68 -11.44
CA LEU A 47 -1.11 5.86 -10.87
C LEU A 47 -0.35 5.01 -11.87
N GLY A 48 0.97 5.20 -11.85
CA GLY A 48 1.88 4.47 -12.70
C GLY A 48 3.27 4.84 -12.22
N ILE A 49 4.27 4.05 -12.57
CA ILE A 49 5.62 4.39 -12.14
C ILE A 49 6.40 5.02 -13.28
N LYS A 50 6.44 4.36 -14.44
CA LYS A 50 7.16 4.91 -15.57
C LYS A 50 6.31 5.90 -16.36
N ASN A 51 5.02 5.96 -16.04
CA ASN A 51 4.12 6.89 -16.71
C ASN A 51 3.12 7.50 -15.73
N PHE A 52 3.66 8.01 -14.62
CA PHE A 52 2.84 8.64 -13.60
C PHE A 52 2.30 9.90 -14.26
N SER A 53 0.98 10.09 -14.19
CA SER A 53 0.40 11.28 -14.81
C SER A 53 -0.47 12.02 -13.78
N TYR A 54 -0.50 13.35 -13.90
CA TYR A 54 -1.29 14.15 -12.99
C TYR A 54 -1.79 15.41 -13.69
N CYS A 55 -2.93 15.91 -13.22
CA CYS A 55 -3.52 17.13 -13.77
C CYS A 55 -4.05 17.91 -12.57
N PHE A 56 -3.53 19.13 -12.37
CA PHE A 56 -3.95 19.96 -11.25
C PHE A 56 -4.81 21.07 -11.84
N ALA A 57 -6.07 21.13 -11.43
CA ALA A 57 -6.99 22.12 -11.97
C ALA A 57 -8.00 22.67 -10.97
N SER A 58 -8.73 23.70 -11.40
CA SER A 58 -9.75 24.34 -10.59
C SER A 58 -10.97 24.67 -11.46
N GLN A 59 -12.15 24.68 -10.86
CA GLN A 59 -13.36 24.97 -11.61
C GLN A 59 -13.61 26.47 -11.60
N ASN A 60 -13.81 27.01 -12.80
CA ASN A 60 -14.03 28.43 -13.02
C ASN A 60 -15.45 28.88 -12.64
N GLU A 61 -15.64 30.19 -12.48
CA GLU A 61 -16.95 30.73 -12.14
C GLU A 61 -17.90 30.43 -13.29
N ASP A 62 -17.34 30.32 -14.49
CA ASP A 62 -18.11 30.03 -15.69
C ASP A 62 -18.27 28.52 -15.81
N SER A 63 -17.99 27.81 -14.72
CA SER A 63 -18.08 26.36 -14.68
C SER A 63 -17.08 25.72 -15.63
N LYS A 64 -16.06 26.49 -16.02
CA LYS A 64 -15.04 25.98 -16.92
C LYS A 64 -13.86 25.44 -16.13
N VAL A 65 -13.24 24.38 -16.65
CA VAL A 65 -12.10 23.78 -15.99
C VAL A 65 -10.83 24.52 -16.35
N ILE A 66 -10.08 24.94 -15.34
CA ILE A 66 -8.84 25.65 -15.57
C ILE A 66 -7.66 24.80 -15.10
N ILE A 67 -6.79 24.46 -16.04
CA ILE A 67 -5.63 23.63 -15.74
C ILE A 67 -4.44 24.49 -15.28
N HIS A 68 -3.87 24.15 -14.13
CA HIS A 68 -2.73 24.87 -13.59
C HIS A 68 -1.43 24.16 -13.92
N ASN A 69 -1.43 22.84 -13.73
CA ASN A 69 -0.25 22.03 -14.01
C ASN A 69 -0.72 20.74 -14.62
N TRP A 70 0.07 20.19 -15.53
CA TRP A 70 -0.32 18.99 -16.23
C TRP A 70 0.91 18.31 -16.79
N SER A 71 1.10 17.03 -16.45
CA SER A 71 2.27 16.32 -16.92
C SER A 71 2.25 14.81 -16.71
N VAL A 72 3.15 14.12 -17.40
CA VAL A 72 3.31 12.68 -17.29
C VAL A 72 4.81 12.47 -17.04
N GLU A 73 5.12 11.74 -15.99
CA GLU A 73 6.52 11.54 -15.62
C GLU A 73 6.92 10.07 -15.48
N ASN A 74 8.21 9.83 -15.65
CA ASN A 74 8.77 8.50 -15.50
C ASN A 74 9.62 8.60 -14.25
N LEU A 75 9.07 8.09 -13.15
CA LEU A 75 9.72 8.15 -11.84
C LEU A 75 11.00 7.34 -11.73
N THR A 76 11.42 6.73 -12.84
CA THR A 76 12.64 5.93 -12.86
C THR A 76 13.81 6.73 -13.42
N GLU A 77 13.50 7.79 -14.17
CA GLU A 77 14.51 8.65 -14.77
C GLU A 77 14.33 10.07 -14.26
N LYS A 78 15.11 11.00 -14.82
CA LYS A 78 15.00 12.40 -14.44
C LYS A 78 13.60 12.84 -14.82
N ASN A 79 12.91 13.53 -13.92
CA ASN A 79 11.55 13.97 -14.19
C ASN A 79 11.27 15.34 -13.59
N GLY A 80 10.16 15.95 -14.02
CA GLY A 80 9.77 17.25 -13.54
C GLY A 80 9.40 17.33 -12.07
N LEU A 81 9.13 16.19 -11.45
CA LEU A 81 8.77 16.18 -10.03
C LEU A 81 10.01 16.17 -9.13
N ASP A 82 11.18 16.19 -9.76
CA ASP A 82 12.44 16.19 -9.03
C ASP A 82 12.51 15.02 -8.05
N ILE A 83 12.20 13.83 -8.54
CA ILE A 83 12.22 12.64 -7.70
C ILE A 83 13.37 11.73 -8.12
N GLN A 84 14.32 11.55 -7.21
CA GLN A 84 15.48 10.71 -7.46
C GLN A 84 15.21 9.36 -6.83
N TRP A 85 14.89 8.38 -7.66
CA TRP A 85 14.58 7.04 -7.18
C TRP A 85 15.11 5.97 -8.13
N THR A 86 15.82 5.00 -7.57
CA THR A 86 16.38 3.92 -8.35
C THR A 86 15.36 2.78 -8.42
N GLU A 87 15.06 2.33 -9.64
CA GLU A 87 14.10 1.26 -9.84
C GLU A 87 14.40 0.08 -8.91
N ASP A 88 13.42 -0.24 -8.06
CA ASP A 88 13.53 -1.35 -7.13
C ASP A 88 12.13 -1.50 -6.53
N PHE A 89 11.47 -2.60 -6.81
CA PHE A 89 10.13 -2.82 -6.32
C PHE A 89 10.05 -3.59 -5.01
N GLN A 90 11.07 -3.41 -4.18
CA GLN A 90 11.12 -4.04 -2.87
C GLN A 90 10.29 -3.15 -1.94
N PRO A 91 9.47 -3.74 -1.07
CA PRO A 91 8.62 -3.01 -0.13
C PRO A 91 9.25 -1.76 0.48
N SER A 92 10.53 -1.85 0.82
CA SER A 92 11.25 -0.73 1.42
C SER A 92 11.57 0.36 0.38
N SER A 93 11.79 -0.06 -0.85
CA SER A 93 12.12 0.87 -1.92
C SER A 93 10.88 1.64 -2.38
N MET A 94 9.74 0.96 -2.36
CA MET A 94 8.48 1.58 -2.76
C MET A 94 8.02 2.60 -1.73
N ALA A 95 8.25 2.31 -0.46
CA ALA A 95 7.87 3.23 0.61
C ALA A 95 8.64 4.51 0.37
N ASP A 96 9.90 4.37 -0.01
CA ASP A 96 10.77 5.52 -0.29
C ASP A 96 10.19 6.36 -1.43
N LEU A 97 9.74 5.69 -2.49
CA LEU A 97 9.16 6.39 -3.62
C LEU A 97 7.82 7.04 -3.22
N SER A 98 7.00 6.29 -2.48
CA SER A 98 5.70 6.80 -2.05
C SER A 98 5.85 8.04 -1.19
N ILE A 99 6.85 8.04 -0.31
CA ILE A 99 7.06 9.16 0.59
C ILE A 99 7.50 10.42 -0.18
N GLN A 100 8.40 10.26 -1.14
CA GLN A 100 8.85 11.41 -1.91
C GLN A 100 7.69 11.94 -2.75
N LEU A 101 7.01 11.02 -3.44
CA LEU A 101 5.89 11.39 -4.28
C LEU A 101 4.82 12.09 -3.45
N PHE A 102 4.58 11.59 -2.25
CA PHE A 102 3.59 12.16 -1.34
C PHE A 102 3.96 13.59 -0.96
N ASN A 103 5.19 13.77 -0.49
CA ASN A 103 5.66 15.09 -0.08
C ASN A 103 5.76 16.05 -1.25
N THR A 104 6.30 15.58 -2.36
CA THR A 104 6.47 16.43 -3.52
C THR A 104 5.15 16.95 -4.07
N LEU A 105 4.11 16.12 -4.05
CA LEU A 105 2.80 16.56 -4.55
C LEU A 105 2.12 17.55 -3.61
N HIS A 106 2.32 17.38 -2.30
CA HIS A 106 1.71 18.28 -1.32
C HIS A 106 2.37 19.64 -1.27
N GLU A 107 3.70 19.64 -1.35
CA GLU A 107 4.48 20.87 -1.30
C GLU A 107 4.38 21.67 -2.58
N LYS A 108 4.24 20.97 -3.70
CA LYS A 108 4.18 21.64 -5.00
C LYS A 108 2.79 22.10 -5.40
N PHE A 109 1.76 21.38 -4.97
CA PHE A 109 0.40 21.72 -5.35
C PHE A 109 -0.52 22.09 -4.19
N ASN A 110 -0.24 21.56 -3.01
CA ASN A 110 -1.06 21.85 -1.84
C ASN A 110 -2.53 21.76 -2.26
N PRO A 111 -2.99 20.56 -2.65
CA PRO A 111 -4.37 20.32 -3.09
C PRO A 111 -5.46 20.33 -2.02
N HIS A 112 -6.68 20.62 -2.47
CA HIS A 112 -7.84 20.60 -1.60
C HIS A 112 -8.47 19.23 -1.80
N VAL A 113 -8.24 18.66 -2.98
CA VAL A 113 -8.76 17.36 -3.34
C VAL A 113 -7.76 16.59 -4.18
N ILE A 114 -7.66 15.30 -3.93
CA ILE A 114 -6.77 14.43 -4.68
C ILE A 114 -7.59 13.27 -5.20
N LEU A 115 -7.61 13.13 -6.52
CA LEU A 115 -8.34 12.07 -7.19
C LEU A 115 -7.34 11.02 -7.65
N MET A 116 -7.57 9.78 -7.24
CA MET A 116 -6.66 8.70 -7.59
C MET A 116 -7.33 7.62 -8.43
N GLU A 117 -6.67 7.23 -9.50
CA GLU A 117 -7.15 6.22 -10.39
C GLU A 117 -5.92 5.51 -10.94
N ARG A 118 -6.02 4.23 -11.22
CA ARG A 118 -4.88 3.51 -11.77
C ARG A 118 -4.74 3.85 -13.24
N GLN A 119 -3.51 3.96 -13.71
CA GLN A 119 -3.31 4.26 -15.12
C GLN A 119 -3.82 3.06 -15.91
N ARG A 120 -4.13 3.28 -17.18
CA ARG A 120 -4.59 2.18 -18.02
C ARG A 120 -3.41 1.25 -18.29
N TYR A 121 -3.60 -0.05 -18.12
CA TYR A 121 -2.53 -1.00 -18.38
C TYR A 121 -2.17 -1.06 -19.88
N ARG A 122 -0.87 -1.20 -20.16
CA ARG A 122 -0.36 -1.34 -21.52
C ARG A 122 0.62 -2.50 -21.49
N SER A 123 0.43 -3.49 -22.37
CA SER A 123 1.30 -4.65 -22.38
C SER A 123 2.77 -4.31 -22.59
N GLY A 124 3.06 -3.16 -23.18
CA GLY A 124 4.43 -2.77 -23.41
C GLY A 124 5.18 -2.31 -22.17
N ILE A 125 4.45 -1.77 -21.19
CA ILE A 125 5.07 -1.27 -19.97
C ILE A 125 5.60 -2.37 -19.07
N ALA A 126 4.78 -3.39 -18.80
CA ALA A 126 5.24 -4.49 -17.95
C ALA A 126 4.25 -5.63 -17.99
N THR A 127 4.60 -6.71 -17.32
CA THR A 127 3.74 -7.89 -17.27
C THR A 127 2.58 -7.60 -16.35
N ILE A 128 1.53 -8.41 -16.43
CA ILE A 128 0.36 -8.21 -15.59
C ILE A 128 0.71 -8.30 -14.11
N PRO A 129 1.43 -9.38 -13.71
CA PRO A 129 1.81 -9.55 -12.31
C PRO A 129 2.62 -8.38 -11.75
N GLU A 130 3.64 -7.96 -12.51
CA GLU A 130 4.49 -6.87 -12.07
C GLU A 130 3.73 -5.55 -11.96
N TRP A 131 2.96 -5.22 -13.00
CA TRP A 131 2.20 -3.99 -13.02
C TRP A 131 1.19 -3.94 -11.88
N THR A 132 0.46 -5.04 -11.71
CA THR A 132 -0.54 -5.17 -10.67
C THR A 132 0.06 -4.93 -9.29
N LEU A 133 1.22 -5.51 -9.03
CA LEU A 133 1.89 -5.36 -7.75
C LEU A 133 2.43 -3.95 -7.53
N ARG A 134 3.07 -3.40 -8.56
CA ARG A 134 3.63 -2.06 -8.48
C ARG A 134 2.58 -0.99 -8.19
N VAL A 135 1.52 -0.96 -8.99
CA VAL A 135 0.47 0.03 -8.82
C VAL A 135 -0.38 -0.17 -7.56
N ASN A 136 -0.59 -1.41 -7.17
CA ASN A 136 -1.37 -1.68 -5.97
C ASN A 136 -0.58 -1.19 -4.75
N MET A 137 0.72 -1.41 -4.78
CA MET A 137 1.60 -1.02 -3.70
C MET A 137 1.67 0.50 -3.57
N LEU A 138 1.84 1.18 -4.70
CA LEU A 138 1.93 2.63 -4.74
C LEU A 138 0.65 3.24 -4.17
N GLU A 139 -0.48 2.79 -4.69
CA GLU A 139 -1.78 3.27 -4.24
C GLU A 139 -1.93 3.06 -2.74
N SER A 140 -1.67 1.84 -2.29
CA SER A 140 -1.79 1.47 -0.89
C SER A 140 -0.95 2.35 0.05
N MET A 141 0.31 2.57 -0.33
CA MET A 141 1.20 3.37 0.49
C MET A 141 0.77 4.84 0.55
N LEU A 142 0.38 5.39 -0.59
CA LEU A 142 -0.07 6.78 -0.65
C LEU A 142 -1.27 6.99 0.25
N TYR A 143 -2.17 6.00 0.27
CA TYR A 143 -3.36 6.07 1.11
C TYR A 143 -2.99 6.03 2.59
N ALA A 144 -2.07 5.14 2.94
CA ALA A 144 -1.64 5.03 4.32
C ALA A 144 -1.02 6.35 4.76
N LEU A 145 -0.12 6.89 3.94
CA LEU A 145 0.53 8.15 4.28
C LEU A 145 -0.49 9.28 4.45
N HIS A 146 -1.48 9.31 3.58
CA HIS A 146 -2.51 10.35 3.63
C HIS A 146 -3.32 10.28 4.92
N TYR A 147 -3.86 9.11 5.23
CA TYR A 147 -4.66 8.94 6.44
C TYR A 147 -3.86 9.03 7.72
N ALA A 148 -2.57 8.72 7.65
CA ALA A 148 -1.72 8.80 8.82
C ALA A 148 -1.53 10.29 9.10
N GLU A 149 -1.22 11.04 8.05
CA GLU A 149 -0.98 12.48 8.16
C GLU A 149 -2.28 13.14 8.67
N LYS A 150 -3.40 12.73 8.09
CA LYS A 150 -4.70 13.26 8.46
C LYS A 150 -4.98 13.23 9.97
N ARG A 151 -4.68 12.10 10.65
CA ARG A 151 -4.96 12.00 12.08
C ARG A 151 -4.09 13.04 12.80
N ASN A 152 -2.88 13.35 12.30
CA ASN A 152 -1.93 14.27 12.94
C ASN A 152 -2.45 15.67 13.17
N TYR A 160 -8.23 19.52 5.87
CA TYR A 160 -7.52 18.31 5.46
C TYR A 160 -7.93 17.91 4.06
N PRO A 161 -6.97 17.84 3.13
CA PRO A 161 -7.22 17.46 1.73
C PRO A 161 -8.01 16.17 1.60
N PHE A 162 -8.97 16.15 0.67
CA PHE A 162 -9.75 14.94 0.46
C PHE A 162 -8.98 14.02 -0.47
N LEU A 163 -9.14 12.73 -0.28
CA LEU A 163 -8.49 11.73 -1.11
C LEU A 163 -9.62 10.85 -1.61
N LEU A 164 -9.74 10.72 -2.93
CA LEU A 164 -10.81 9.92 -3.49
C LEU A 164 -10.34 8.99 -4.60
N SER A 165 -10.80 7.75 -4.55
CA SER A 165 -10.45 6.79 -5.58
C SER A 165 -11.65 6.75 -6.51
N LEU A 166 -11.38 6.82 -7.81
CA LEU A 166 -12.45 6.80 -8.80
C LEU A 166 -12.26 5.57 -9.67
N SER A 167 -13.36 5.08 -10.22
CA SER A 167 -13.29 3.93 -11.08
C SER A 167 -13.09 4.42 -12.51
N PRO A 168 -12.14 3.84 -13.23
CA PRO A 168 -11.89 4.27 -14.61
C PRO A 168 -13.19 4.21 -15.42
N LYS A 169 -14.01 3.20 -15.12
CA LYS A 169 -15.30 3.01 -15.81
C LYS A 169 -16.15 4.28 -15.75
N SER A 170 -16.31 4.83 -14.55
CA SER A 170 -17.10 6.05 -14.38
C SER A 170 -16.55 7.20 -15.20
N THR A 171 -15.22 7.34 -15.21
CA THR A 171 -14.58 8.41 -15.96
C THR A 171 -14.85 8.26 -17.46
N TYR A 172 -14.47 7.12 -18.01
CA TYR A 172 -14.63 6.82 -19.43
C TYR A 172 -16.09 6.76 -19.86
N SER A 173 -16.90 6.06 -19.07
CA SER A 173 -18.33 5.93 -19.37
C SER A 173 -18.94 7.30 -19.47
N TYR A 174 -18.53 8.18 -18.56
CA TYR A 174 -19.02 9.54 -18.55
C TYR A 174 -18.73 10.28 -19.85
N TRP A 175 -17.45 10.34 -20.22
CA TRP A 175 -17.06 11.05 -21.42
C TRP A 175 -17.58 10.45 -22.71
N ALA A 176 -17.74 9.13 -22.74
CA ALA A 176 -18.24 8.47 -23.94
C ALA A 176 -19.66 8.95 -24.27
N SER A 177 -20.53 8.95 -23.27
CA SER A 177 -21.91 9.38 -23.47
C SER A 177 -22.06 10.87 -23.69
N VAL A 178 -21.16 11.66 -23.11
CA VAL A 178 -21.22 13.11 -23.25
C VAL A 178 -20.60 13.63 -24.53
N LEU A 179 -19.62 12.90 -25.06
CA LEU A 179 -18.95 13.33 -26.29
C LEU A 179 -19.30 12.55 -27.56
N ASN A 180 -19.74 11.30 -27.41
CA ASN A 180 -20.10 10.50 -28.57
C ASN A 180 -21.60 10.55 -28.81
N LYS A 188 -15.62 5.18 -29.63
CA LYS A 188 -15.32 5.78 -30.93
C LYS A 188 -14.23 6.85 -30.81
N LYS A 189 -14.51 7.89 -30.03
CA LYS A 189 -13.53 8.96 -29.82
C LYS A 189 -12.44 8.55 -28.85
N SER A 190 -11.19 8.75 -29.25
CA SER A 190 -10.05 8.42 -28.40
C SER A 190 -9.95 9.47 -27.30
N ARG A 191 -9.27 9.15 -26.21
CA ARG A 191 -9.09 10.08 -25.09
C ARG A 191 -8.44 11.37 -25.56
N VAL A 192 -7.42 11.26 -26.41
CA VAL A 192 -6.71 12.43 -26.94
C VAL A 192 -7.67 13.33 -27.72
N GLN A 193 -8.53 12.72 -28.52
CA GLN A 193 -9.50 13.47 -29.31
C GLN A 193 -10.55 14.14 -28.44
N MET A 194 -10.96 13.46 -27.36
CA MET A 194 -11.95 14.02 -26.46
C MET A 194 -11.40 15.29 -25.81
N VAL A 195 -10.15 15.23 -25.34
CA VAL A 195 -9.53 16.36 -24.69
C VAL A 195 -9.30 17.49 -25.69
N LYS A 196 -8.86 17.13 -26.89
CA LYS A 196 -8.61 18.12 -27.94
C LYS A 196 -9.91 18.87 -28.21
N GLU A 197 -11.02 18.15 -28.18
CA GLU A 197 -12.32 18.74 -28.42
C GLU A 197 -12.67 19.68 -27.28
N LEU A 198 -12.44 19.20 -26.05
CA LEU A 198 -12.73 20.00 -24.87
C LEU A 198 -11.95 21.30 -24.88
N ILE A 199 -10.69 21.24 -25.32
CA ILE A 199 -9.84 22.42 -25.39
C ILE A 199 -10.31 23.37 -26.50
N ASP A 200 -10.50 22.83 -27.70
CA ASP A 200 -10.95 23.62 -28.83
C ASP A 200 -12.33 24.20 -28.56
N GLY A 201 -13.09 23.51 -27.71
CA GLY A 201 -14.43 23.99 -27.38
C GLY A 201 -14.41 24.92 -26.19
N GLN A 202 -13.21 25.25 -25.73
CA GLN A 202 -13.04 26.15 -24.59
C GLN A 202 -13.69 25.64 -23.31
N LYS A 203 -13.86 24.31 -23.19
CA LYS A 203 -14.45 23.73 -21.99
C LYS A 203 -13.34 23.54 -20.96
N ILE A 204 -12.11 23.55 -21.45
CA ILE A 204 -10.91 23.42 -20.63
C ILE A 204 -9.97 24.54 -21.04
N LEU A 205 -9.62 25.40 -20.10
CA LEU A 205 -8.71 26.51 -20.37
C LEU A 205 -7.44 26.29 -19.56
N PHE A 206 -6.41 27.07 -19.88
CA PHE A 206 -5.15 26.96 -19.17
C PHE A 206 -4.74 28.25 -18.48
N GLU A 207 -4.31 28.14 -17.23
CA GLU A 207 -3.88 29.29 -16.46
C GLU A 207 -2.55 29.80 -17.00
N ASN A 208 -1.64 28.87 -17.30
CA ASN A 208 -0.33 29.24 -17.84
C ASN A 208 -0.06 28.56 -19.16
N GLU A 209 0.86 29.14 -19.93
CA GLU A 209 1.22 28.61 -21.22
C GLU A 209 2.02 27.32 -21.18
N GLU A 210 2.77 27.11 -20.10
CA GLU A 210 3.58 25.90 -19.95
C GLU A 210 2.79 24.62 -20.19
N ALA A 211 1.72 24.42 -19.42
CA ALA A 211 0.88 23.24 -19.55
C ALA A 211 0.36 23.13 -20.98
N LEU A 212 -0.22 24.21 -21.48
CA LEU A 212 -0.76 24.23 -22.84
C LEU A 212 0.36 23.86 -23.81
N TYR A 213 1.56 24.31 -23.53
CA TYR A 213 2.71 24.03 -24.38
C TYR A 213 3.05 22.54 -24.44
N LYS A 214 3.08 21.89 -23.28
CA LYS A 214 3.40 20.46 -23.22
C LYS A 214 2.44 19.66 -24.09
N TRP A 215 1.15 20.00 -24.01
CA TRP A 215 0.13 19.31 -24.77
C TRP A 215 0.29 19.49 -26.27
N ASN A 216 0.45 20.74 -26.72
CA ASN A 216 0.59 21.01 -28.14
C ASN A 216 1.90 20.51 -28.73
N ASN A 217 2.99 20.67 -28.00
CA ASN A 217 4.29 20.23 -28.50
C ASN A 217 4.51 18.74 -28.25
N GLY A 218 4.43 18.36 -26.98
CA GLY A 218 4.63 16.97 -26.63
C GLY A 218 3.65 16.02 -27.31
N SER A 219 4.05 15.49 -28.46
CA SER A 219 3.24 14.55 -29.22
C SER A 219 4.14 13.37 -29.56
N ARG A 220 5.43 13.59 -29.42
CA ARG A 220 6.41 12.55 -29.70
C ARG A 220 6.40 11.61 -28.51
N VAL A 221 7.42 10.76 -28.41
CA VAL A 221 7.53 9.82 -27.31
C VAL A 221 6.34 8.86 -27.22
N GLU A 222 6.47 7.88 -26.33
CA GLU A 222 5.48 6.84 -26.11
C GLU A 222 4.23 7.26 -25.34
N PHE A 223 3.11 7.38 -26.07
CA PHE A 223 1.82 7.71 -25.49
C PHE A 223 1.79 8.86 -24.49
N LYS A 224 2.64 9.87 -24.69
CA LYS A 224 2.69 11.01 -23.79
C LYS A 224 1.32 11.71 -23.75
N LYS A 225 0.83 12.08 -24.92
CA LYS A 225 -0.46 12.75 -25.07
C LYS A 225 -1.60 11.90 -24.49
N ASP A 226 -1.53 10.60 -24.72
CA ASP A 226 -2.55 9.68 -24.24
C ASP A 226 -2.57 9.63 -22.72
N ASP A 227 -1.39 9.60 -22.11
CA ASP A 227 -1.31 9.56 -20.66
C ASP A 227 -1.76 10.89 -20.03
N MET A 228 -1.41 12.00 -20.67
CA MET A 228 -1.80 13.32 -20.16
C MET A 228 -3.31 13.50 -20.30
N ALA A 229 -3.84 13.04 -21.43
CA ALA A 229 -5.27 13.16 -21.69
C ALA A 229 -6.02 12.37 -20.63
N ASP A 230 -5.45 11.23 -20.24
CA ASP A 230 -6.09 10.39 -19.23
C ASP A 230 -6.31 11.15 -17.92
N SER A 231 -5.24 11.75 -17.37
CA SER A 231 -5.40 12.47 -16.12
C SER A 231 -6.28 13.71 -16.27
N ALA A 232 -6.25 14.33 -17.45
CA ALA A 232 -7.07 15.52 -17.68
C ALA A 232 -8.55 15.13 -17.69
N LEU A 233 -8.87 13.96 -18.23
CA LEU A 233 -10.25 13.50 -18.27
C LEU A 233 -10.73 13.09 -16.89
N ILE A 234 -9.80 12.67 -16.04
CA ILE A 234 -10.14 12.28 -14.68
C ILE A 234 -10.56 13.53 -13.90
N ALA A 235 -9.66 14.52 -13.86
CA ALA A 235 -9.93 15.76 -13.14
C ALA A 235 -11.14 16.50 -13.67
N SER A 236 -11.15 16.82 -14.97
CA SER A 236 -12.27 17.55 -15.55
C SER A 236 -13.55 16.76 -15.43
N GLY A 237 -13.47 15.44 -15.56
CA GLY A 237 -14.66 14.62 -15.47
C GLY A 237 -15.26 14.71 -14.08
N TRP A 238 -14.42 14.60 -13.06
CA TRP A 238 -14.89 14.66 -11.68
C TRP A 238 -15.43 16.04 -11.30
N MET A 239 -14.78 17.09 -11.79
CA MET A 239 -15.22 18.44 -11.49
C MET A 239 -16.59 18.71 -12.08
N ARG A 240 -16.85 18.14 -13.26
CA ARG A 240 -18.14 18.34 -13.89
C ARG A 240 -19.21 17.58 -13.13
N TRP A 241 -18.86 16.41 -12.58
CA TRP A 241 -19.82 15.63 -11.81
C TRP A 241 -20.29 16.46 -10.64
N GLN A 242 -19.34 17.10 -9.95
CA GLN A 242 -19.67 17.91 -8.78
C GLN A 242 -20.57 19.08 -9.19
N ALA A 243 -20.35 19.62 -10.38
CA ALA A 243 -21.14 20.73 -10.87
C ALA A 243 -22.56 20.24 -11.11
N GLN A 244 -22.69 19.12 -11.80
CA GLN A 244 -24.00 18.54 -12.09
C GLN A 244 -24.72 18.17 -10.81
N LEU A 245 -23.98 17.78 -9.78
CA LEU A 245 -24.58 17.41 -8.52
C LEU A 245 -25.18 18.63 -7.80
N LYS A 246 -24.57 19.79 -8.01
CA LYS A 246 -25.08 21.01 -7.38
C LYS A 246 -26.46 21.30 -7.94
N HIS A 247 -26.76 20.72 -9.10
CA HIS A 247 -28.05 20.91 -9.76
C HIS A 247 -29.00 19.77 -9.42
N TYR A 248 -28.51 18.54 -9.55
CA TYR A 248 -29.34 17.35 -9.31
C TYR A 248 -29.70 16.97 -7.88
N ARG A 249 -28.93 17.41 -6.90
CA ARG A 249 -29.26 17.08 -5.51
C ARG A 249 -30.65 17.59 -5.16
N ASN A 250 -30.83 18.91 -5.26
CA ASN A 250 -32.13 19.50 -4.94
C ASN A 250 -33.22 18.99 -5.86
N PHE A 251 -32.87 18.76 -7.13
CA PHE A 251 -33.85 18.27 -8.09
C PHE A 251 -34.41 16.90 -7.68
N CYS A 252 -33.53 16.00 -7.26
CA CYS A 252 -33.94 14.65 -6.85
C CYS A 252 -34.72 14.61 -5.54
N LYS A 253 -34.54 15.60 -4.68
CA LYS A 253 -35.27 15.64 -3.42
C LYS A 253 -36.77 15.63 -3.70
N GLN A 254 -37.16 16.20 -4.84
CA GLN A 254 -38.55 16.27 -5.27
C GLN A 254 -39.30 14.96 -5.11
N PHE A 255 -38.58 13.86 -5.31
CA PHE A 255 -39.18 12.55 -5.23
C PHE A 255 -38.95 11.92 -3.86
N LEU A 256 -38.91 12.78 -2.84
CA LEU A 256 -38.71 12.35 -1.46
C LEU A 256 -39.44 13.29 -0.50
N LYS B 5 37.10 -22.43 2.78
CA LYS B 5 36.37 -23.29 1.80
C LYS B 5 35.08 -22.60 1.38
N LEU B 6 34.82 -22.58 0.08
CA LEU B 6 33.61 -21.93 -0.43
C LEU B 6 32.37 -22.69 0.05
N SER B 7 32.46 -24.02 0.03
CA SER B 7 31.35 -24.85 0.48
C SER B 7 30.98 -24.55 1.93
N PHE B 8 32.00 -24.34 2.76
CA PHE B 8 31.79 -24.05 4.17
C PHE B 8 31.03 -22.74 4.34
N LEU B 9 31.42 -21.73 3.59
CA LEU B 9 30.77 -20.42 3.67
C LEU B 9 29.32 -20.51 3.20
N GLN B 10 29.04 -21.45 2.29
CA GLN B 10 27.69 -21.63 1.78
C GLN B 10 26.81 -22.26 2.85
N HIS B 11 27.40 -23.15 3.65
CA HIS B 11 26.68 -23.82 4.72
C HIS B 11 26.32 -22.83 5.83
N ILE B 12 27.20 -21.85 6.04
CA ILE B 12 26.98 -20.83 7.06
C ILE B 12 25.81 -19.94 6.65
N CYS B 13 25.76 -19.59 5.37
CA CYS B 13 24.69 -18.75 4.84
C CYS B 13 23.34 -19.45 4.96
N LYS B 14 23.34 -20.76 4.74
CA LYS B 14 22.12 -21.56 4.83
C LYS B 14 21.65 -21.65 6.28
N LEU B 15 22.60 -21.58 7.21
CA LEU B 15 22.30 -21.65 8.63
C LEU B 15 21.90 -20.31 9.23
N THR B 16 22.37 -19.22 8.63
CA THR B 16 22.08 -17.88 9.14
C THR B 16 21.06 -17.13 8.30
N GLY B 17 20.39 -17.86 7.39
CA GLY B 17 19.39 -17.24 6.55
C GLY B 17 19.97 -16.24 5.56
N LEU B 18 21.27 -16.28 5.36
CA LEU B 18 21.92 -15.37 4.43
C LEU B 18 21.93 -15.91 3.00
N SER B 19 21.98 -15.00 2.04
CA SER B 19 22.00 -15.37 0.63
C SER B 19 23.27 -16.14 0.28
N ARG B 20 23.12 -17.24 -0.42
CA ARG B 20 24.24 -18.08 -0.82
C ARG B 20 24.95 -17.45 -2.02
N SER B 21 25.24 -16.15 -1.90
CA SER B 21 25.91 -15.40 -2.96
C SER B 21 27.29 -15.97 -3.25
N GLU B 26 33.80 -12.14 -0.64
CA GLU B 26 32.64 -12.82 -1.20
C GLU B 26 31.60 -13.04 -0.10
N LEU B 27 31.30 -14.30 0.20
CA LEU B 27 30.33 -14.62 1.24
C LEU B 27 30.80 -14.08 2.58
N LEU B 28 32.12 -13.94 2.73
CA LEU B 28 32.71 -13.44 3.97
C LEU B 28 32.15 -12.06 4.29
N ARG B 29 32.00 -11.22 3.27
CA ARG B 29 31.48 -9.87 3.45
C ARG B 29 30.04 -9.90 3.94
N ARG B 30 29.22 -10.73 3.31
CA ARG B 30 27.81 -10.85 3.68
C ARG B 30 27.65 -11.35 5.12
N ILE B 31 28.51 -12.28 5.52
CA ILE B 31 28.44 -12.85 6.87
C ILE B 31 28.93 -11.86 7.92
N VAL B 32 30.10 -11.28 7.69
CA VAL B 32 30.68 -10.34 8.64
C VAL B 32 29.87 -9.05 8.75
N ASP B 33 29.36 -8.57 7.63
CA ASP B 33 28.59 -7.32 7.60
C ASP B 33 27.12 -7.46 8.00
N SER B 34 26.67 -8.68 8.24
CA SER B 34 25.29 -8.92 8.64
C SER B 34 24.99 -8.16 9.93
N PRO B 35 24.05 -7.20 9.89
CA PRO B 35 23.66 -6.37 11.03
C PRO B 35 23.33 -7.18 12.29
N ILE B 36 23.81 -6.70 13.44
CA ILE B 36 23.55 -7.37 14.71
C ILE B 36 22.27 -6.78 15.31
N TYR B 37 21.13 -7.36 14.94
CA TYR B 37 19.85 -6.88 15.43
C TYR B 37 19.56 -7.31 16.86
N PRO B 38 18.66 -6.59 17.55
CA PRO B 38 18.32 -6.95 18.92
C PRO B 38 17.62 -8.31 18.90
N THR B 39 17.71 -9.07 19.99
CA THR B 39 17.07 -10.37 20.03
C THR B 39 16.00 -10.45 21.10
N SER B 40 15.68 -9.31 21.70
CA SER B 40 14.65 -9.24 22.72
C SER B 40 13.47 -8.45 22.12
N ARG B 41 12.26 -8.71 22.60
CA ARG B 41 11.08 -8.02 22.10
C ARG B 41 10.95 -8.16 20.60
N VAL B 42 11.05 -9.40 20.12
CA VAL B 42 10.96 -9.68 18.69
C VAL B 42 9.53 -10.04 18.36
N LEU B 43 8.91 -9.28 17.46
CA LEU B 43 7.53 -9.54 17.07
C LEU B 43 7.49 -10.20 15.70
N GLY B 44 7.26 -11.51 15.69
CA GLY B 44 7.18 -12.24 14.44
C GLY B 44 5.74 -12.19 13.94
N ILE B 45 5.55 -11.80 12.68
CA ILE B 45 4.21 -11.69 12.12
C ILE B 45 3.95 -12.43 10.82
N ASP B 46 2.85 -13.17 10.78
CA ASP B 46 2.43 -13.86 9.56
C ASP B 46 1.14 -13.12 9.25
N LEU B 47 1.23 -12.21 8.29
CA LEU B 47 0.13 -11.37 7.90
C LEU B 47 -1.13 -12.05 7.38
N GLY B 48 -2.27 -11.51 7.77
CA GLY B 48 -3.55 -12.04 7.36
C GLY B 48 -4.59 -11.10 7.93
N ILE B 49 -5.81 -11.14 7.41
CA ILE B 49 -6.85 -10.26 7.91
C ILE B 49 -7.79 -10.97 8.89
N LYS B 50 -8.30 -12.13 8.49
CA LYS B 50 -9.17 -12.89 9.37
C LYS B 50 -8.32 -13.84 10.19
N ASN B 51 -7.05 -13.92 9.85
CA ASN B 51 -6.13 -14.80 10.55
C ASN B 51 -4.75 -14.18 10.77
N PHE B 52 -4.73 -12.97 11.32
CA PHE B 52 -3.49 -12.27 11.63
C PHE B 52 -2.79 -13.05 12.73
N SER B 53 -1.57 -13.49 12.47
CA SER B 53 -0.83 -14.27 13.45
C SER B 53 0.47 -13.57 13.85
N TYR B 54 0.72 -13.53 15.15
CA TYR B 54 1.92 -12.89 15.66
C TYR B 54 2.45 -13.69 16.83
N CYS B 55 3.76 -13.60 17.03
CA CYS B 55 4.42 -14.29 18.13
C CYS B 55 5.42 -13.27 18.66
N PHE B 56 5.23 -12.86 19.91
CA PHE B 56 6.11 -11.88 20.54
C PHE B 56 7.06 -12.62 21.47
N ALA B 57 8.35 -12.54 21.17
CA ALA B 57 9.33 -13.27 21.99
C ALA B 57 10.69 -12.60 22.20
N SER B 58 11.48 -13.18 23.10
CA SER B 58 12.81 -12.69 23.42
C SER B 58 13.77 -13.87 23.53
N GLN B 59 15.05 -13.64 23.25
CA GLN B 59 16.05 -14.69 23.34
C GLN B 59 16.79 -14.55 24.67
N ASN B 60 16.82 -15.61 25.47
CA ASN B 60 17.49 -15.58 26.76
C ASN B 60 18.99 -15.84 26.63
N GLU B 61 19.68 -15.97 27.76
CA GLU B 61 21.11 -16.22 27.76
C GLU B 61 21.47 -17.57 27.15
N ASP B 62 20.67 -18.60 27.46
CA ASP B 62 20.92 -19.93 26.92
C ASP B 62 20.47 -20.00 25.47
N SER B 63 20.32 -18.83 24.85
CA SER B 63 19.92 -18.71 23.46
C SER B 63 18.58 -19.41 23.18
N LYS B 64 17.75 -19.52 24.19
CA LYS B 64 16.44 -20.14 24.04
C LYS B 64 15.37 -19.07 23.82
N VAL B 65 14.37 -19.41 23.02
CA VAL B 65 13.28 -18.50 22.71
C VAL B 65 12.21 -18.48 23.80
N ILE B 66 11.95 -17.29 24.35
CA ILE B 66 10.94 -17.14 25.38
C ILE B 66 9.76 -16.37 24.80
N ILE B 67 8.62 -17.05 24.69
CA ILE B 67 7.42 -16.43 24.14
C ILE B 67 6.65 -15.67 25.21
N HIS B 68 6.35 -14.40 24.93
CA HIS B 68 5.60 -13.55 25.85
C HIS B 68 4.13 -13.55 25.46
N ASN B 69 3.84 -13.42 24.17
CA ASN B 69 2.47 -13.41 23.67
C ASN B 69 2.46 -14.14 22.33
N TRP B 70 1.37 -14.85 22.05
CA TRP B 70 1.29 -15.63 20.83
C TRP B 70 -0.19 -15.87 20.56
N SER B 71 -0.67 -15.39 19.41
CA SER B 71 -2.09 -15.53 19.11
C SER B 71 -2.42 -15.37 17.62
N VAL B 72 -3.63 -15.78 17.27
CA VAL B 72 -4.15 -15.65 15.91
C VAL B 72 -5.42 -14.84 16.12
N GLU B 73 -5.60 -13.78 15.34
CA GLU B 73 -6.75 -12.92 15.49
C GLU B 73 -7.50 -12.67 14.20
N ASN B 74 -8.82 -12.57 14.30
CA ASN B 74 -9.66 -12.29 13.15
C ASN B 74 -9.99 -10.80 13.30
N LEU B 75 -9.32 -9.97 12.54
CA LEU B 75 -9.50 -8.52 12.63
C LEU B 75 -10.89 -8.01 12.22
N THR B 76 -11.72 -8.91 11.70
CA THR B 76 -13.06 -8.56 11.26
C THR B 76 -14.09 -8.62 12.40
N GLU B 77 -13.76 -9.35 13.46
CA GLU B 77 -14.64 -9.50 14.61
C GLU B 77 -13.92 -9.05 15.87
N LYS B 78 -14.56 -9.23 17.01
CA LYS B 78 -13.95 -8.87 18.28
C LYS B 78 -12.67 -9.68 18.36
N ASN B 79 -11.60 -9.08 18.89
CA ASN B 79 -10.32 -9.78 18.97
C ASN B 79 -9.45 -9.31 20.13
N GLY B 80 -8.43 -10.10 20.44
CA GLY B 80 -7.52 -9.77 21.52
C GLY B 80 -6.71 -8.50 21.29
N LEU B 81 -6.71 -8.01 20.05
CA LEU B 81 -5.97 -6.79 19.75
C LEU B 81 -6.83 -5.56 19.96
N ASP B 82 -8.14 -5.77 20.04
CA ASP B 82 -9.11 -4.69 20.27
C ASP B 82 -9.31 -3.77 19.09
N ILE B 83 -9.00 -4.28 17.92
CA ILE B 83 -9.16 -3.54 16.70
C ILE B 83 -10.62 -3.66 16.29
N GLN B 84 -11.27 -2.52 16.12
CA GLN B 84 -12.68 -2.48 15.72
C GLN B 84 -12.69 -2.06 14.26
N TRP B 85 -12.96 -3.01 13.38
CA TRP B 85 -12.95 -2.74 11.95
C TRP B 85 -14.01 -3.54 11.20
N THR B 86 -14.75 -2.85 10.34
CA THR B 86 -15.78 -3.50 9.54
C THR B 86 -15.16 -3.98 8.24
N GLU B 87 -15.29 -5.26 7.95
CA GLU B 87 -14.73 -5.82 6.73
C GLU B 87 -15.12 -5.00 5.51
N ASP B 88 -14.13 -4.32 4.93
CA ASP B 88 -14.31 -3.50 3.74
C ASP B 88 -12.92 -3.30 3.15
N PHE B 89 -12.69 -3.83 1.96
CA PHE B 89 -11.37 -3.74 1.34
C PHE B 89 -11.07 -2.55 0.47
N GLN B 90 -11.84 -1.48 0.61
CA GLN B 90 -11.58 -0.27 -0.16
C GLN B 90 -10.35 0.37 0.50
N PRO B 91 -9.50 1.04 -0.28
CA PRO B 91 -8.28 1.69 0.20
C PRO B 91 -8.43 2.48 1.51
N SER B 92 -9.39 3.40 1.54
CA SER B 92 -9.62 4.22 2.73
C SER B 92 -9.91 3.35 3.94
N SER B 93 -10.71 2.31 3.73
CA SER B 93 -11.07 1.39 4.81
C SER B 93 -9.84 0.60 5.28
N MET B 94 -9.02 0.15 4.34
CA MET B 94 -7.82 -0.62 4.66
C MET B 94 -6.80 0.24 5.41
N ALA B 95 -6.69 1.50 5.00
CA ALA B 95 -5.76 2.41 5.66
C ALA B 95 -6.14 2.52 7.14
N ASP B 96 -7.45 2.56 7.41
CA ASP B 96 -7.90 2.65 8.78
C ASP B 96 -7.45 1.43 9.56
N LEU B 97 -7.62 0.25 8.96
CA LEU B 97 -7.19 -0.99 9.60
C LEU B 97 -5.68 -0.99 9.82
N SER B 98 -4.93 -0.53 8.82
CA SER B 98 -3.47 -0.48 8.91
C SER B 98 -3.00 0.40 10.05
N ILE B 99 -3.59 1.58 10.18
CA ILE B 99 -3.23 2.52 11.23
C ILE B 99 -3.56 1.92 12.59
N GLN B 100 -4.75 1.35 12.72
CA GLN B 100 -5.13 0.73 13.98
C GLN B 100 -4.15 -0.37 14.36
N LEU B 101 -3.86 -1.25 13.39
CA LEU B 101 -2.96 -2.36 13.64
C LEU B 101 -1.56 -1.87 13.98
N PHE B 102 -1.02 -0.98 13.16
CA PHE B 102 0.31 -0.41 13.37
C PHE B 102 0.40 0.22 14.78
N ASN B 103 -0.56 1.07 15.13
CA ASN B 103 -0.55 1.71 16.45
C ASN B 103 -0.66 0.69 17.58
N THR B 104 -1.60 -0.24 17.44
CA THR B 104 -1.83 -1.26 18.46
C THR B 104 -0.63 -2.17 18.72
N LEU B 105 0.07 -2.56 17.65
CA LEU B 105 1.22 -3.43 17.81
C LEU B 105 2.33 -2.73 18.60
N HIS B 106 2.57 -1.47 18.30
CA HIS B 106 3.61 -0.72 19.01
C HIS B 106 3.17 -0.42 20.44
N GLU B 107 1.94 0.06 20.59
CA GLU B 107 1.42 0.39 21.91
C GLU B 107 1.36 -0.82 22.81
N LYS B 108 0.99 -1.96 22.25
CA LYS B 108 0.88 -3.17 23.05
C LYS B 108 2.18 -3.93 23.29
N PHE B 109 3.08 -3.93 22.31
CA PHE B 109 4.33 -4.68 22.46
C PHE B 109 5.65 -3.90 22.54
N ASN B 110 5.67 -2.65 22.08
CA ASN B 110 6.91 -1.87 22.11
C ASN B 110 8.04 -2.78 21.65
N PRO B 111 7.93 -3.32 20.42
CA PRO B 111 8.95 -4.21 19.88
C PRO B 111 10.26 -3.53 19.53
N HIS B 112 11.34 -4.31 19.50
CA HIS B 112 12.65 -3.80 19.13
C HIS B 112 12.82 -4.19 17.66
N VAL B 113 12.19 -5.31 17.31
CA VAL B 113 12.25 -5.83 15.95
C VAL B 113 10.91 -6.42 15.50
N ILE B 114 10.53 -6.12 14.26
CA ILE B 114 9.30 -6.64 13.69
C ILE B 114 9.66 -7.46 12.45
N LEU B 115 9.26 -8.72 12.46
CA LEU B 115 9.55 -9.61 11.33
C LEU B 115 8.29 -9.88 10.53
N MET B 116 8.44 -9.92 9.21
CA MET B 116 7.31 -10.13 8.33
C MET B 116 7.76 -10.79 7.03
N GLU B 117 7.05 -11.81 6.59
CA GLU B 117 7.39 -12.50 5.35
C GLU B 117 6.66 -11.85 4.17
N ARG B 118 7.41 -11.57 3.10
CA ARG B 118 6.86 -10.91 1.92
C ARG B 118 5.66 -11.51 1.19
N GLN B 119 5.34 -12.77 1.47
CA GLN B 119 4.20 -13.43 0.83
C GLN B 119 4.39 -13.58 -0.69
N ARG B 120 3.53 -14.38 -1.31
CA ARG B 120 3.61 -14.61 -2.75
C ARG B 120 2.24 -14.85 -3.39
N TYR B 121 2.18 -14.75 -4.72
CA TYR B 121 0.94 -14.96 -5.44
C TYR B 121 0.52 -16.43 -5.37
N GLU B 130 -7.85 -13.29 -4.78
CA GLU B 130 -8.12 -11.91 -4.40
C GLU B 130 -7.72 -11.67 -2.95
N TRP B 131 -7.48 -12.76 -2.21
CA TRP B 131 -7.08 -12.67 -0.81
C TRP B 131 -5.64 -12.22 -0.68
N THR B 132 -4.86 -12.47 -1.72
CA THR B 132 -3.45 -12.09 -1.73
C THR B 132 -3.34 -10.58 -1.88
N LEU B 133 -4.14 -10.03 -2.79
CA LEU B 133 -4.14 -8.59 -3.04
C LEU B 133 -4.55 -7.82 -1.80
N ARG B 134 -5.51 -8.35 -1.06
CA ARG B 134 -5.98 -7.70 0.15
C ARG B 134 -4.90 -7.69 1.22
N VAL B 135 -4.23 -8.80 1.40
CA VAL B 135 -3.17 -8.89 2.39
C VAL B 135 -1.98 -8.03 1.95
N ASN B 136 -1.70 -8.01 0.65
CA ASN B 136 -0.59 -7.22 0.12
C ASN B 136 -0.84 -5.73 0.40
N MET B 137 -2.11 -5.33 0.38
CA MET B 137 -2.46 -3.94 0.65
C MET B 137 -2.13 -3.61 2.11
N LEU B 138 -2.53 -4.48 3.01
CA LEU B 138 -2.27 -4.28 4.43
C LEU B 138 -0.75 -4.23 4.65
N GLU B 139 -0.04 -5.13 3.97
CA GLU B 139 1.41 -5.20 4.08
C GLU B 139 2.08 -3.92 3.60
N SER B 140 1.66 -3.45 2.43
CA SER B 140 2.23 -2.23 1.86
C SER B 140 2.00 -1.02 2.76
N MET B 141 0.83 -0.93 3.36
CA MET B 141 0.50 0.20 4.23
C MET B 141 1.31 0.16 5.53
N LEU B 142 1.53 -1.04 6.07
CA LEU B 142 2.32 -1.18 7.27
C LEU B 142 3.76 -0.75 6.99
N TYR B 143 4.26 -1.10 5.80
CA TYR B 143 5.61 -0.72 5.42
C TYR B 143 5.75 0.78 5.30
N ALA B 144 4.76 1.43 4.68
CA ALA B 144 4.78 2.88 4.49
C ALA B 144 4.75 3.61 5.83
N LEU B 145 3.88 3.16 6.73
CA LEU B 145 3.76 3.77 8.04
C LEU B 145 5.09 3.61 8.78
N HIS B 146 5.64 2.40 8.72
CA HIS B 146 6.90 2.13 9.38
C HIS B 146 8.04 2.99 8.87
N TYR B 147 8.26 2.99 7.55
CA TYR B 147 9.36 3.75 6.98
C TYR B 147 9.26 5.27 7.12
N ALA B 148 8.05 5.78 7.34
CA ALA B 148 7.89 7.21 7.52
C ALA B 148 8.46 7.55 8.91
N GLU B 149 8.27 6.63 9.86
CA GLU B 149 8.75 6.80 11.22
C GLU B 149 10.24 6.52 11.32
N LYS B 150 10.71 5.54 10.55
CA LYS B 150 12.13 5.20 10.57
C LYS B 150 12.96 6.37 10.04
N ARG B 151 12.48 7.01 8.98
CA ARG B 151 13.19 8.14 8.40
C ARG B 151 13.28 9.25 9.46
N ASN B 152 12.16 9.53 10.12
CA ASN B 152 12.14 10.55 11.15
C ASN B 152 13.09 10.21 12.30
N SER B 153 13.15 8.94 12.66
CA SER B 153 14.02 8.51 13.76
C SER B 153 15.49 8.64 13.37
N ILE B 154 15.80 8.39 12.10
CA ILE B 154 17.18 8.48 11.62
C ILE B 154 17.66 9.93 11.70
N GLU B 155 16.86 10.84 11.16
CA GLU B 155 17.20 12.25 11.16
C GLU B 155 17.30 12.82 12.58
N GLN B 156 16.60 12.20 13.52
CA GLN B 156 16.62 12.66 14.90
C GLN B 156 17.57 11.87 15.79
N LYS B 157 18.31 10.94 15.21
CA LYS B 157 19.26 10.12 15.98
C LYS B 157 18.55 9.38 17.11
N ILE B 158 17.36 8.87 16.83
CA ILE B 158 16.59 8.13 17.83
C ILE B 158 16.47 6.68 17.39
N GLN B 159 16.69 5.75 18.31
CA GLN B 159 16.58 4.35 17.95
C GLN B 159 15.12 3.95 17.81
N TYR B 160 14.79 3.42 16.63
CA TYR B 160 13.45 3.01 16.30
C TYR B 160 13.44 1.53 15.93
N PRO B 161 12.35 0.83 16.23
CA PRO B 161 12.26 -0.61 15.90
C PRO B 161 12.58 -0.91 14.45
N PHE B 162 13.13 -2.10 14.21
CA PHE B 162 13.46 -2.55 12.87
C PHE B 162 12.32 -3.35 12.29
N LEU B 163 12.04 -3.17 11.00
CA LEU B 163 11.02 -3.95 10.33
C LEU B 163 11.76 -4.72 9.25
N LEU B 164 11.98 -6.00 9.50
CA LEU B 164 12.70 -6.83 8.55
C LEU B 164 11.78 -7.64 7.66
N SER B 165 11.94 -7.46 6.36
CA SER B 165 11.14 -8.17 5.37
C SER B 165 11.87 -9.45 5.01
N LEU B 166 11.28 -10.61 5.33
CA LEU B 166 11.91 -11.89 5.05
C LEU B 166 11.36 -12.52 3.77
N SER B 167 12.19 -13.31 3.09
CA SER B 167 11.77 -13.98 1.86
C SER B 167 10.69 -15.01 2.16
N PRO B 168 9.74 -15.20 1.22
CA PRO B 168 8.64 -16.15 1.38
C PRO B 168 9.02 -17.53 1.92
N LYS B 169 8.37 -17.91 3.01
CA LYS B 169 8.60 -19.21 3.64
C LYS B 169 10.07 -19.51 3.96
N SER B 170 10.88 -18.47 4.12
CA SER B 170 12.29 -18.66 4.41
C SER B 170 12.55 -19.36 5.73
N THR B 171 11.85 -18.95 6.79
CA THR B 171 12.06 -19.58 8.09
C THR B 171 11.49 -20.99 8.12
N TYR B 172 10.45 -21.22 7.33
CA TYR B 172 9.85 -22.55 7.27
C TYR B 172 10.83 -23.54 6.66
N SER B 173 11.29 -23.21 5.45
CA SER B 173 12.24 -24.08 4.77
C SER B 173 13.50 -24.27 5.60
N TYR B 174 13.87 -23.25 6.37
CA TYR B 174 15.06 -23.34 7.21
C TYR B 174 14.88 -24.39 8.30
N TRP B 175 13.74 -24.35 8.98
CA TRP B 175 13.46 -25.31 10.04
C TRP B 175 13.27 -26.71 9.50
N ALA B 176 12.65 -26.82 8.34
CA ALA B 176 12.40 -28.09 7.70
C ALA B 176 13.72 -28.81 7.40
N SER B 177 14.77 -28.03 7.19
CA SER B 177 16.08 -28.57 6.87
C SER B 177 16.89 -28.97 8.11
N VAL B 178 16.69 -28.24 9.20
CA VAL B 178 17.41 -28.53 10.44
C VAL B 178 16.74 -29.64 11.23
N LEU B 179 15.45 -29.84 10.99
CA LEU B 179 14.69 -30.87 11.69
C LEU B 179 14.25 -32.00 10.77
N ASN B 180 14.44 -31.80 9.46
CA ASN B 180 14.06 -32.80 8.47
C ASN B 180 12.60 -33.21 8.62
N SER B 190 5.57 -31.84 9.77
CA SER B 190 4.71 -30.68 9.51
C SER B 190 5.11 -29.49 10.39
N ARG B 191 4.58 -28.32 10.06
CA ARG B 191 4.86 -27.10 10.83
C ARG B 191 4.49 -27.25 12.30
N VAL B 192 3.31 -27.78 12.56
CA VAL B 192 2.87 -27.98 13.94
C VAL B 192 3.83 -28.95 14.62
N GLN B 193 4.29 -29.94 13.87
CA GLN B 193 5.21 -30.94 14.41
C GLN B 193 6.54 -30.30 14.81
N MET B 194 7.09 -29.48 13.93
CA MET B 194 8.35 -28.80 14.20
C MET B 194 8.26 -27.92 15.46
N VAL B 195 7.17 -27.18 15.57
CA VAL B 195 6.96 -26.32 16.72
C VAL B 195 6.87 -27.13 18.00
N LYS B 196 6.11 -28.22 17.96
CA LYS B 196 5.96 -29.09 19.13
C LYS B 196 7.32 -29.65 19.50
N GLU B 197 8.10 -29.99 18.49
CA GLU B 197 9.44 -30.54 18.70
C GLU B 197 10.31 -29.51 19.42
N LEU B 198 10.29 -28.29 18.92
CA LEU B 198 11.07 -27.20 19.52
C LEU B 198 10.58 -26.95 20.94
N ILE B 199 9.29 -27.17 21.18
CA ILE B 199 8.75 -26.96 22.51
C ILE B 199 9.22 -28.08 23.44
N ASP B 200 9.10 -29.33 22.99
CA ASP B 200 9.52 -30.46 23.82
C ASP B 200 11.05 -30.53 23.89
N GLY B 201 11.72 -29.94 22.89
CA GLY B 201 13.17 -29.93 22.88
C GLY B 201 13.68 -28.82 23.77
N GLN B 202 12.73 -28.11 24.39
CA GLN B 202 13.04 -27.00 25.29
C GLN B 202 13.78 -25.85 24.62
N LYS B 203 13.59 -25.72 23.30
CA LYS B 203 14.21 -24.65 22.54
C LYS B 203 13.31 -23.43 22.63
N ILE B 204 12.05 -23.66 22.98
CA ILE B 204 11.04 -22.61 23.11
C ILE B 204 10.35 -22.74 24.47
N LEU B 205 10.45 -21.68 25.28
CA LEU B 205 9.82 -21.69 26.61
C LEU B 205 8.65 -20.69 26.63
N PHE B 206 7.90 -20.68 27.72
CA PHE B 206 6.77 -19.76 27.84
C PHE B 206 6.81 -18.99 29.14
N GLU B 207 6.66 -17.67 29.03
CA GLU B 207 6.66 -16.80 30.20
C GLU B 207 5.28 -16.81 30.84
N ASN B 208 4.25 -17.01 30.01
CA ASN B 208 2.87 -17.04 30.47
C ASN B 208 2.20 -18.32 29.99
N GLU B 209 1.37 -18.90 30.86
CA GLU B 209 0.67 -20.13 30.55
C GLU B 209 -0.35 -19.93 29.42
N GLU B 210 -0.97 -18.76 29.41
CA GLU B 210 -1.97 -18.42 28.40
C GLU B 210 -1.59 -18.81 26.97
N ALA B 211 -0.37 -18.46 26.56
CA ALA B 211 0.09 -18.76 25.22
C ALA B 211 0.20 -20.26 24.98
N LEU B 212 0.80 -20.97 25.93
CA LEU B 212 0.98 -22.40 25.83
C LEU B 212 -0.37 -23.13 25.77
N TYR B 213 -1.33 -22.67 26.56
CA TYR B 213 -2.65 -23.30 26.58
C TYR B 213 -3.35 -23.20 25.23
N LYS B 214 -3.36 -22.01 24.65
CA LYS B 214 -3.99 -21.78 23.35
C LYS B 214 -3.37 -22.71 22.31
N TRP B 215 -2.07 -22.94 22.41
CA TRP B 215 -1.40 -23.82 21.47
C TRP B 215 -1.86 -25.26 21.65
N ASN B 216 -2.09 -25.65 22.91
CA ASN B 216 -2.53 -27.01 23.19
C ASN B 216 -4.02 -27.22 22.97
N ASN B 217 -4.83 -26.17 23.17
CA ASN B 217 -6.27 -26.27 22.98
C ASN B 217 -6.81 -25.12 22.13
N GLY B 218 -7.15 -24.00 22.77
CA GLY B 218 -7.64 -22.86 22.02
C GLY B 218 -9.15 -22.68 22.07
N GLU B 222 -12.43 -20.78 17.66
CA GLU B 222 -11.85 -21.63 16.62
C GLU B 222 -10.86 -20.85 15.77
N PHE B 223 -9.72 -21.47 15.48
CA PHE B 223 -8.67 -20.88 14.66
C PHE B 223 -7.71 -22.02 14.28
N LYS B 224 -7.15 -21.95 13.08
CA LYS B 224 -6.22 -22.99 12.62
C LYS B 224 -4.94 -22.99 13.44
N LYS B 225 -4.55 -24.15 13.92
CA LYS B 225 -3.33 -24.30 14.71
C LYS B 225 -2.13 -24.05 13.80
N ASP B 226 -2.34 -24.19 12.50
CA ASP B 226 -1.28 -23.98 11.52
C ASP B 226 -0.90 -22.51 11.42
N ASP B 227 -1.89 -21.62 11.47
CA ASP B 227 -1.59 -20.20 11.40
C ASP B 227 -0.77 -19.79 12.61
N MET B 228 -1.05 -20.39 13.75
CA MET B 228 -0.33 -20.10 14.97
C MET B 228 1.11 -20.59 14.89
N ALA B 229 1.30 -21.75 14.28
CA ALA B 229 2.64 -22.32 14.14
C ALA B 229 3.51 -21.45 13.25
N ASP B 230 2.90 -20.80 12.25
CA ASP B 230 3.65 -19.94 11.33
C ASP B 230 4.39 -18.78 11.99
N SER B 231 3.72 -18.04 12.87
CA SER B 231 4.36 -16.92 13.53
C SER B 231 5.49 -17.37 14.47
N ALA B 232 5.28 -18.50 15.15
CA ALA B 232 6.30 -19.02 16.06
C ALA B 232 7.54 -19.47 15.28
N LEU B 233 7.32 -20.05 14.11
CA LEU B 233 8.43 -20.51 13.27
C LEU B 233 9.22 -19.33 12.74
N ILE B 234 8.52 -18.25 12.41
CA ILE B 234 9.15 -17.04 11.90
C ILE B 234 10.07 -16.44 12.97
N ALA B 235 9.53 -16.21 14.15
CA ALA B 235 10.30 -15.65 15.25
C ALA B 235 11.47 -16.53 15.67
N SER B 236 11.17 -17.80 15.96
CA SER B 236 12.20 -18.74 16.39
C SER B 236 13.28 -18.93 15.33
N GLY B 237 12.85 -19.02 14.07
CA GLY B 237 13.81 -19.20 12.99
C GLY B 237 14.77 -18.04 12.88
N TRP B 238 14.22 -16.84 12.72
CA TRP B 238 15.02 -15.64 12.60
C TRP B 238 15.99 -15.50 13.78
N MET B 239 15.50 -15.77 14.98
CA MET B 239 16.33 -15.68 16.17
C MET B 239 17.47 -16.69 16.11
N ARG B 240 17.22 -17.81 15.44
CA ARG B 240 18.22 -18.85 15.30
C ARG B 240 19.33 -18.33 14.38
N TRP B 241 18.94 -17.58 13.35
CA TRP B 241 19.92 -17.02 12.43
C TRP B 241 20.84 -16.04 13.15
N GLN B 242 20.29 -15.25 14.06
CA GLN B 242 21.08 -14.27 14.79
C GLN B 242 22.00 -14.98 15.78
N ALA B 243 21.55 -16.12 16.30
CA ALA B 243 22.34 -16.88 17.25
C ALA B 243 23.50 -17.51 16.49
N GLN B 244 23.20 -18.09 15.33
CA GLN B 244 24.22 -18.72 14.50
C GLN B 244 25.24 -17.67 14.04
N LEU B 245 24.77 -16.52 13.58
CA LEU B 245 25.68 -15.47 13.13
C LEU B 245 26.74 -15.15 14.18
N LYS B 246 26.37 -15.25 15.45
CA LYS B 246 27.33 -14.97 16.51
C LYS B 246 28.39 -16.07 16.63
N HIS B 247 28.19 -17.17 15.91
CA HIS B 247 29.14 -18.27 15.90
C HIS B 247 30.15 -18.11 14.75
N TYR B 248 29.73 -17.45 13.67
CA TYR B 248 30.61 -17.30 12.51
C TYR B 248 30.99 -15.89 12.10
N ARG B 249 30.33 -14.89 12.69
CA ARG B 249 30.63 -13.51 12.35
C ARG B 249 32.09 -13.20 12.67
N ASN B 250 32.50 -13.41 13.92
CA ASN B 250 33.88 -13.16 14.33
C ASN B 250 34.85 -14.16 13.70
N PHE B 251 34.41 -15.40 13.59
CA PHE B 251 35.24 -16.44 13.01
C PHE B 251 35.63 -16.09 11.57
N CYS B 252 34.64 -15.63 10.79
CA CYS B 252 34.89 -15.27 9.40
C CYS B 252 35.71 -13.98 9.23
N LYS B 253 35.70 -13.11 10.23
CA LYS B 253 36.47 -11.87 10.15
C LYS B 253 37.94 -12.13 9.81
N GLN B 254 38.50 -13.15 10.47
CA GLN B 254 39.90 -13.49 10.27
C GLN B 254 40.28 -13.96 8.88
N PHE B 255 39.30 -14.17 8.01
CA PHE B 255 39.61 -14.60 6.65
C PHE B 255 39.52 -13.46 5.64
N LEU B 256 39.59 -12.23 6.14
CA LEU B 256 39.53 -11.05 5.28
C LEU B 256 40.90 -10.38 5.21
S SO4 C . -7.96 5.48 -26.67
O1 SO4 C . -7.82 6.81 -26.08
O2 SO4 C . -9.39 5.09 -26.64
O3 SO4 C . -7.47 5.50 -28.06
O4 SO4 C . -7.17 4.50 -25.90
S SO4 D . 2.06 -28.74 6.85
O1 SO4 D . 2.39 -27.79 7.93
O2 SO4 D . 3.12 -29.76 6.77
O3 SO4 D . 0.77 -29.40 7.17
O4 SO4 D . 1.95 -28.02 5.58
#